data_8TCK
#
_entry.id   8TCK
#
_cell.length_a   53.735
_cell.length_b   63.952
_cell.length_c   128.296
_cell.angle_alpha   90.00
_cell.angle_beta   90.00
_cell.angle_gamma   90.00
#
_symmetry.space_group_name_H-M   'P 21 21 21'
#
loop_
_entity.id
_entity.type
_entity.pdbx_description
1 polymer 'p51 subunit'
2 water water
#
_entity_poly.entity_id   1
_entity_poly.type   'polypeptide(L)'
_entity_poly.pdbx_seq_one_letter_code
;SDHHHHHHGPISPIETVPVKLKPGMDGPKVKQWPLTEEKIKALVEICTEMEKEGKISKIGPENPYNTPVFAIKKKDSTKW
RKLVDFRELNKRTQDFWEVQLGIPHPAGLKKKKSVTVLDVGDAYFSVPLDEDFRKYTAFTIPSINNETPGIRYQYNVLPQ
GWKGSPAIFQSSMTKILEPFKKQNPDIVIYQYMDDLYVGSDLEIGQHRTKIEELRQHLLRWGLTTPDGYELHPDKWTGSG
SGGYDPSKDLIAEIQKQGQGQWTYQIYQEPSKNLKTGKYARKRGAHTNDVKQLTEAVQKITTESIVIWGKTPKFKLPIQK
ETWETWWTEYWQATWIPEWEFVN
;
_entity_poly.pdbx_strand_id   B
#
# COMPACT_ATOMS: atom_id res chain seq x y z
N ILE A 14 19.20 3.92 20.95
CA ILE A 14 18.39 4.90 20.23
C ILE A 14 17.17 5.28 21.09
N GLU A 15 16.04 5.49 20.45
CA GLU A 15 14.80 5.80 21.15
C GLU A 15 13.63 5.63 20.19
N THR A 16 12.48 5.26 20.74
CA THR A 16 11.28 4.99 19.97
C THR A 16 10.22 6.06 20.28
N VAL A 17 9.06 5.89 19.65
CA VAL A 17 7.94 6.81 19.77
C VAL A 17 6.79 6.05 20.43
N PRO A 18 6.29 6.48 21.59
CA PRO A 18 5.15 5.76 22.18
C PRO A 18 3.97 5.80 21.23
N VAL A 19 3.23 4.69 21.19
CA VAL A 19 2.06 4.60 20.33
C VAL A 19 0.99 3.84 21.08
N LYS A 20 -0.24 4.10 20.69
CA LYS A 20 -1.43 3.71 21.45
C LYS A 20 -2.51 3.30 20.46
N LEU A 21 -3.38 2.42 20.89
CA LEU A 21 -4.62 2.16 20.17
C LEU A 21 -5.68 3.18 20.58
N LYS A 22 -6.63 3.41 19.68
CA LYS A 22 -7.72 4.31 20.01
C LYS A 22 -8.43 3.82 21.27
N PRO A 23 -9.05 4.72 22.02
CA PRO A 23 -9.57 4.35 23.35
C PRO A 23 -10.61 3.24 23.26
N GLY A 24 -10.49 2.28 24.17
CA GLY A 24 -11.43 1.19 24.28
C GLY A 24 -11.20 0.04 23.33
N MET A 25 -10.13 0.08 22.54
CA MET A 25 -9.93 -0.88 21.47
C MET A 25 -8.72 -1.77 21.74
N ASP A 26 -8.88 -3.06 21.46
CA ASP A 26 -7.81 -4.04 21.61
C ASP A 26 -7.18 -4.33 20.25
N GLY A 27 -6.06 -5.04 20.29
CA GLY A 27 -5.34 -5.40 19.09
C GLY A 27 -6.11 -6.37 18.20
N PRO A 28 -5.65 -6.56 16.97
CA PRO A 28 -6.36 -7.44 16.03
C PRO A 28 -6.16 -8.91 16.31
N LYS A 29 -7.25 -9.67 16.16
CA LYS A 29 -7.26 -11.13 16.33
C LYS A 29 -7.94 -11.71 15.08
N VAL A 30 -7.20 -11.76 13.97
CA VAL A 30 -7.74 -12.10 12.67
C VAL A 30 -7.08 -13.39 12.19
N LYS A 31 -7.90 -14.40 11.90
CA LYS A 31 -7.39 -15.69 11.47
C LYS A 31 -6.58 -15.54 10.18
N GLN A 32 -5.53 -16.34 10.06
CA GLN A 32 -4.77 -16.40 8.83
C GLN A 32 -5.54 -17.21 7.79
N TRP A 33 -5.56 -16.70 6.55
CA TRP A 33 -6.27 -17.47 5.54
C TRP A 33 -5.31 -18.37 4.76
N PRO A 34 -5.78 -19.48 4.19
CA PRO A 34 -4.85 -20.40 3.53
C PRO A 34 -4.20 -19.77 2.31
N LEU A 35 -3.00 -20.27 1.99
CA LEU A 35 -2.18 -19.74 0.92
C LEU A 35 -1.68 -20.86 0.03
N THR A 36 -1.39 -20.52 -1.23
CA THR A 36 -0.75 -21.47 -2.12
C THR A 36 0.63 -21.83 -1.59
N GLU A 37 1.08 -23.05 -1.87
CA GLU A 37 2.41 -23.46 -1.45
C GLU A 37 3.46 -22.50 -1.98
N GLU A 38 3.25 -21.95 -3.18
CA GLU A 38 4.24 -21.03 -3.73
C GLU A 38 4.40 -19.80 -2.84
N LYS A 39 3.29 -19.27 -2.35
CA LYS A 39 3.37 -18.08 -1.51
C LYS A 39 3.94 -18.43 -0.13
N ILE A 40 3.60 -19.61 0.40
CA ILE A 40 4.15 -20.01 1.69
C ILE A 40 5.66 -20.11 1.60
N LYS A 41 6.18 -20.76 0.56
CA LYS A 41 7.63 -20.91 0.42
C LYS A 41 8.30 -19.55 0.33
N ALA A 42 7.64 -18.58 -0.32
CA ALA A 42 8.25 -17.27 -0.48
C ALA A 42 8.23 -16.48 0.81
N LEU A 43 7.16 -16.60 1.60
CA LEU A 43 7.12 -15.91 2.88
C LEU A 43 8.17 -16.47 3.83
N VAL A 44 8.40 -17.80 3.79
CA VAL A 44 9.39 -18.38 4.68
C VAL A 44 10.78 -17.88 4.33
N GLU A 45 11.13 -17.83 3.05
CA GLU A 45 12.43 -17.28 2.65
C GLU A 45 12.57 -15.84 3.13
N ILE A 46 11.55 -15.02 2.86
CA ILE A 46 11.59 -13.62 3.25
C ILE A 46 11.73 -13.49 4.76
N CYS A 47 10.85 -14.14 5.51
CA CYS A 47 10.84 -13.93 6.95
C CYS A 47 12.08 -14.50 7.61
N THR A 48 12.61 -15.61 7.09
CA THR A 48 13.89 -16.11 7.56
C THR A 48 14.93 -15.00 7.54
N GLU A 49 15.01 -14.25 6.43
CA GLU A 49 16.04 -13.22 6.32
C GLU A 49 15.73 -12.04 7.23
N MET A 50 14.46 -11.61 7.27
CA MET A 50 14.11 -10.50 8.15
C MET A 50 14.42 -10.82 9.61
N GLU A 51 14.27 -12.10 10.02
CA GLU A 51 14.58 -12.49 11.39
C GLU A 51 16.07 -12.37 11.66
N LYS A 52 16.91 -12.89 10.76
CA LYS A 52 18.35 -12.79 10.95
C LYS A 52 18.80 -11.34 11.02
N GLU A 53 18.12 -10.44 10.32
CA GLU A 53 18.48 -9.04 10.32
C GLU A 53 17.86 -8.28 11.50
N GLY A 54 17.04 -8.93 12.31
CA GLY A 54 16.46 -8.30 13.48
C GLY A 54 15.15 -7.56 13.23
N LYS A 55 14.68 -7.50 11.99
CA LYS A 55 13.46 -6.74 11.70
C LYS A 55 12.23 -7.38 12.34
N ILE A 56 12.23 -8.70 12.51
CA ILE A 56 11.13 -9.42 13.15
C ILE A 56 11.72 -10.47 14.08
N SER A 57 10.87 -10.93 15.04
CA SER A 57 11.26 -11.98 15.97
C SER A 57 10.23 -13.10 15.96
N LYS A 58 10.71 -14.35 16.07
CA LYS A 58 9.81 -15.48 16.22
C LYS A 58 9.02 -15.37 17.51
N ILE A 59 7.80 -15.88 17.50
CA ILE A 59 6.92 -15.89 18.65
C ILE A 59 6.11 -17.17 18.61
N GLY A 60 5.28 -17.37 19.65
CA GLY A 60 4.46 -18.56 19.75
C GLY A 60 3.01 -18.24 20.00
N PRO A 61 2.24 -19.21 20.49
CA PRO A 61 0.82 -18.96 20.77
C PRO A 61 0.57 -18.08 21.98
N GLU A 62 1.61 -17.69 22.73
CA GLU A 62 1.39 -16.83 23.89
C GLU A 62 0.85 -15.46 23.47
N ASN A 63 1.19 -15.00 22.28
CA ASN A 63 0.67 -13.73 21.77
C ASN A 63 -0.70 -13.96 21.17
N PRO A 64 -1.77 -13.34 21.72
CA PRO A 64 -3.12 -13.65 21.25
C PRO A 64 -3.54 -12.87 20.02
N TYR A 65 -2.69 -11.98 19.50
CA TYR A 65 -3.05 -11.17 18.35
C TYR A 65 -2.57 -11.82 17.05
N ASN A 66 -3.25 -11.48 15.97
CA ASN A 66 -2.84 -11.98 14.67
C ASN A 66 -3.41 -11.10 13.58
N THR A 67 -2.64 -10.96 12.50
CA THR A 67 -3.02 -10.23 11.29
C THR A 67 -2.66 -11.08 10.08
N PRO A 68 -3.54 -11.18 9.08
CA PRO A 68 -3.24 -12.04 7.93
C PRO A 68 -2.05 -11.50 7.15
N VAL A 69 -1.33 -12.42 6.53
CA VAL A 69 -0.23 -12.12 5.64
C VAL A 69 -0.46 -12.87 4.33
N PHE A 70 0.05 -12.32 3.24
CA PHE A 70 0.19 -13.08 2.01
C PHE A 70 1.34 -12.46 1.24
N ALA A 71 1.44 -12.83 -0.03
CA ALA A 71 2.58 -12.46 -0.86
C ALA A 71 2.08 -12.09 -2.24
N ILE A 72 2.77 -11.13 -2.87
CA ILE A 72 2.36 -10.59 -4.15
C ILE A 72 3.61 -10.23 -4.96
N LYS A 73 3.41 -10.08 -6.26
CA LYS A 73 4.44 -9.56 -7.16
C LYS A 73 3.90 -8.27 -7.78
N LYS A 74 4.74 -7.23 -7.78
CA LYS A 74 4.33 -6.00 -8.43
C LYS A 74 4.27 -6.16 -9.94
N LYS A 75 3.53 -5.25 -10.59
CA LYS A 75 3.37 -5.29 -12.03
C LYS A 75 4.73 -5.28 -12.72
N ASP A 76 4.96 -6.27 -13.58
CA ASP A 76 6.20 -6.37 -14.34
C ASP A 76 7.39 -6.60 -13.40
N SER A 77 7.23 -7.54 -12.48
CA SER A 77 8.27 -7.83 -11.50
C SER A 77 8.23 -9.31 -11.14
N THR A 78 9.41 -9.89 -10.95
CA THR A 78 9.53 -11.29 -10.57
C THR A 78 9.82 -11.47 -9.08
N LYS A 79 9.90 -10.39 -8.32
CA LYS A 79 10.23 -10.47 -6.90
C LYS A 79 8.95 -10.56 -6.07
N TRP A 80 8.82 -11.65 -5.32
CA TRP A 80 7.77 -11.73 -4.32
C TRP A 80 7.98 -10.67 -3.25
N ARG A 81 6.88 -10.10 -2.77
CA ARG A 81 6.92 -9.10 -1.71
C ARG A 81 5.91 -9.52 -0.65
N LYS A 82 6.33 -9.50 0.61
CA LYS A 82 5.40 -9.80 1.68
C LYS A 82 4.41 -8.65 1.84
N LEU A 83 3.16 -8.99 2.10
CA LEU A 83 2.10 -8.00 2.30
C LEU A 83 1.29 -8.42 3.51
N VAL A 84 1.37 -7.65 4.57
CA VAL A 84 0.57 -7.85 5.75
C VAL A 84 -0.67 -6.97 5.63
N ASP A 85 -1.84 -7.57 5.81
CA ASP A 85 -3.10 -6.83 5.71
C ASP A 85 -3.40 -6.21 7.07
N PHE A 86 -2.75 -5.07 7.32
CA PHE A 86 -2.90 -4.33 8.56
C PHE A 86 -4.17 -3.49 8.63
N ARG A 87 -5.14 -3.73 7.75
CA ARG A 87 -6.31 -2.85 7.73
C ARG A 87 -6.97 -2.78 9.10
N GLU A 88 -7.03 -3.90 9.84
CA GLU A 88 -7.69 -3.88 11.14
C GLU A 88 -6.84 -3.14 12.17
N LEU A 89 -5.52 -3.41 12.21
CA LEU A 89 -4.66 -2.67 13.13
C LEU A 89 -4.72 -1.19 12.86
N ASN A 90 -4.79 -0.80 11.57
CA ASN A 90 -4.81 0.61 11.22
C ASN A 90 -6.09 1.29 11.70
N LYS A 91 -7.24 0.62 11.55
CA LYS A 91 -8.48 1.16 12.09
C LYS A 91 -8.36 1.42 13.57
N ARG A 92 -7.65 0.54 14.29
CA ARG A 92 -7.56 0.59 15.74
C ARG A 92 -6.40 1.45 16.25
N THR A 93 -5.48 1.82 15.38
CA THR A 93 -4.33 2.61 15.77
C THR A 93 -4.72 4.07 15.93
N GLN A 94 -4.15 4.71 16.94
CA GLN A 94 -4.38 6.13 17.19
C GLN A 94 -4.19 6.95 15.93
N ASP A 95 -4.87 8.11 15.89
CA ASP A 95 -4.57 9.10 14.88
C ASP A 95 -3.32 9.88 15.29
N PHE A 96 -2.64 10.44 14.30
CA PHE A 96 -1.37 11.12 14.50
C PHE A 96 -1.49 12.58 14.11
N TRP A 97 -1.03 13.46 15.00
CA TRP A 97 -1.11 14.91 14.78
C TRP A 97 0.26 15.55 14.97
N ILE A 103 1.06 18.42 6.59
CA ILE A 103 1.57 18.07 5.27
C ILE A 103 0.39 17.89 4.31
N PRO A 104 -0.20 19.01 3.87
CA PRO A 104 -1.48 18.95 3.14
C PRO A 104 -1.28 18.47 1.71
N HIS A 105 -2.44 18.26 1.03
CA HIS A 105 -2.40 17.61 -0.27
C HIS A 105 -2.03 18.61 -1.36
N PRO A 106 -1.13 18.22 -2.28
CA PRO A 106 -0.75 19.14 -3.36
C PRO A 106 -1.71 19.12 -4.54
N ALA A 107 -2.56 20.14 -4.64
CA ALA A 107 -3.43 20.25 -5.82
C ALA A 107 -2.62 20.29 -7.10
N GLY A 108 -1.33 20.63 -7.01
CA GLY A 108 -0.52 20.69 -8.22
C GLY A 108 -0.17 19.34 -8.80
N LEU A 109 -0.17 18.30 -7.97
CA LEU A 109 0.29 17.00 -8.42
C LEU A 109 -0.50 16.51 -9.63
N LYS A 110 -1.82 16.63 -9.58
CA LYS A 110 -2.63 16.14 -10.70
C LYS A 110 -2.47 16.96 -11.96
N LYS A 111 -1.76 18.09 -11.90
CA LYS A 111 -1.59 18.98 -13.04
C LYS A 111 -0.28 18.76 -13.78
N LYS A 112 0.58 17.84 -13.31
CA LYS A 112 1.90 17.67 -13.87
C LYS A 112 1.87 16.80 -15.11
N LYS A 113 2.75 17.11 -16.07
CA LYS A 113 2.84 16.31 -17.28
C LYS A 113 3.19 14.87 -16.98
N SER A 114 4.00 14.63 -15.94
CA SER A 114 4.45 13.28 -15.63
C SER A 114 4.65 13.13 -14.12
N VAL A 115 4.22 11.99 -13.59
CA VAL A 115 4.34 11.68 -12.16
C VAL A 115 4.79 10.23 -12.02
N THR A 116 5.88 10.01 -11.30
CA THR A 116 6.45 8.68 -11.11
C THR A 116 6.23 8.24 -9.66
N VAL A 117 5.90 6.97 -9.48
CA VAL A 117 5.57 6.40 -8.18
C VAL A 117 6.72 5.49 -7.77
N LEU A 118 7.30 5.78 -6.61
CA LEU A 118 8.43 5.02 -6.07
C LEU A 118 8.04 4.37 -4.76
N ASP A 119 8.33 3.08 -4.63
CA ASP A 119 8.15 2.36 -3.37
C ASP A 119 9.32 2.68 -2.44
N VAL A 120 9.03 3.28 -1.29
CA VAL A 120 10.05 3.58 -0.29
C VAL A 120 9.80 2.81 1.01
N GLY A 121 9.00 1.75 0.96
CA GLY A 121 8.65 1.02 2.16
C GLY A 121 9.84 0.40 2.85
N ASP A 122 10.96 0.25 2.14
CA ASP A 122 12.16 -0.31 2.74
C ASP A 122 12.81 0.63 3.73
N ALA A 123 12.47 1.92 3.70
CA ALA A 123 13.10 2.86 4.60
C ALA A 123 12.69 2.64 6.04
N TYR A 124 11.48 2.14 6.27
CA TYR A 124 10.96 2.03 7.63
C TYR A 124 11.81 1.10 8.48
N PHE A 125 12.43 0.08 7.88
CA PHE A 125 13.10 -0.98 8.62
C PHE A 125 14.31 -0.50 9.38
N SER A 126 14.65 0.79 9.29
CA SER A 126 15.77 1.35 10.03
C SER A 126 15.34 2.09 11.29
N VAL A 127 14.05 2.08 11.61
CA VAL A 127 13.50 2.77 12.76
C VAL A 127 12.83 1.75 13.68
N PRO A 128 13.23 1.66 14.95
CA PRO A 128 12.61 0.67 15.83
C PRO A 128 11.17 1.05 16.19
N LEU A 129 10.37 0.03 16.48
CA LEU A 129 8.98 0.20 16.86
C LEU A 129 8.87 0.14 18.37
N ASP A 130 8.02 1.00 18.93
CA ASP A 130 7.81 1.01 20.38
C ASP A 130 7.60 -0.40 20.91
N GLU A 131 8.40 -0.78 21.90
CA GLU A 131 8.42 -2.15 22.38
C GLU A 131 7.04 -2.62 22.83
N ASP A 132 6.26 -1.74 23.44
CA ASP A 132 4.95 -2.13 23.93
C ASP A 132 3.92 -2.31 22.80
N PHE A 133 4.24 -1.85 21.60
CA PHE A 133 3.30 -1.99 20.48
C PHE A 133 3.58 -3.24 19.65
N ARG A 134 4.80 -3.78 19.74
CA ARG A 134 5.22 -4.84 18.84
C ARG A 134 4.27 -6.05 18.85
N LYS A 135 3.69 -6.35 20.02
CA LYS A 135 2.85 -7.54 20.09
C LYS A 135 1.68 -7.46 19.11
N TYR A 136 1.23 -6.24 18.80
CA TYR A 136 0.04 -6.07 17.97
C TYR A 136 0.29 -6.39 16.49
N THR A 137 1.54 -6.55 16.10
CA THR A 137 1.89 -6.74 14.70
C THR A 137 2.14 -8.19 14.35
N ALA A 138 1.74 -9.12 15.22
CA ALA A 138 2.01 -10.54 14.99
C ALA A 138 1.26 -11.07 13.78
N PHE A 139 1.89 -12.03 13.09
CA PHE A 139 1.27 -12.70 11.96
C PHE A 139 1.78 -14.12 11.87
N THR A 140 1.13 -14.91 11.01
CA THR A 140 1.34 -16.36 10.96
C THR A 140 1.48 -16.82 9.52
N ILE A 141 2.67 -17.31 9.16
CA ILE A 141 2.85 -18.05 7.94
C ILE A 141 2.26 -19.44 8.10
N PRO A 142 1.25 -19.82 7.31
CA PRO A 142 0.76 -21.21 7.40
C PRO A 142 1.85 -22.20 7.03
N SER A 143 1.68 -23.44 7.47
CA SER A 143 2.68 -24.47 7.29
C SER A 143 2.34 -25.33 6.08
N ILE A 144 3.36 -25.67 5.31
CA ILE A 144 3.16 -26.53 4.14
C ILE A 144 3.06 -27.98 4.61
N ASN A 145 1.98 -28.65 4.22
CA ASN A 145 1.70 -30.02 4.63
C ASN A 145 1.52 -30.13 6.15
N ASN A 146 1.19 -29.03 6.81
CA ASN A 146 0.85 -29.03 8.23
C ASN A 146 1.93 -29.71 9.06
N GLU A 147 3.20 -29.41 8.76
CA GLU A 147 4.29 -29.92 9.57
C GLU A 147 4.37 -29.19 10.90
N THR A 148 3.86 -27.96 10.98
CA THR A 148 3.77 -27.21 12.21
C THR A 148 2.40 -26.54 12.25
N PRO A 149 2.00 -25.95 13.37
CA PRO A 149 0.75 -25.18 13.39
C PRO A 149 0.89 -23.81 12.73
N GLY A 150 2.08 -23.48 12.24
CA GLY A 150 2.32 -22.17 11.70
C GLY A 150 3.63 -21.61 12.18
N ILE A 151 4.16 -20.61 11.47
CA ILE A 151 5.37 -19.91 11.85
C ILE A 151 4.96 -18.47 12.15
N ARG A 152 5.15 -18.05 13.39
CA ARG A 152 4.66 -16.78 13.88
C ARG A 152 5.79 -15.80 14.14
N TYR A 153 5.54 -14.53 13.83
CA TYR A 153 6.50 -13.46 14.04
C TYR A 153 5.76 -12.18 14.48
N GLN A 154 6.54 -11.22 14.99
CA GLN A 154 6.07 -9.87 15.24
C GLN A 154 7.20 -8.92 14.87
N TYR A 155 6.86 -7.66 14.61
CA TYR A 155 7.86 -6.71 14.16
C TYR A 155 8.59 -6.06 15.35
N ASN A 156 9.87 -5.73 15.12
CA ASN A 156 10.65 -4.89 16.00
C ASN A 156 10.90 -3.50 15.41
N VAL A 157 10.52 -3.28 14.16
CA VAL A 157 10.75 -2.05 13.43
C VAL A 157 9.44 -1.63 12.78
N LEU A 158 9.42 -0.42 12.23
CA LEU A 158 8.22 0.09 11.61
C LEU A 158 7.83 -0.82 10.44
N PRO A 159 6.62 -1.41 10.45
CA PRO A 159 6.23 -2.31 9.37
C PRO A 159 5.60 -1.60 8.18
N GLN A 160 5.91 -2.10 6.99
CA GLN A 160 5.24 -1.65 5.78
C GLN A 160 3.74 -1.89 5.92
N GLY A 161 2.96 -0.91 5.48
CA GLY A 161 1.53 -1.02 5.47
C GLY A 161 0.83 -0.59 6.74
N TRP A 162 1.56 -0.33 7.83
CA TRP A 162 0.95 0.16 9.06
C TRP A 162 0.81 1.68 8.98
N LYS A 163 -0.36 2.18 9.35
CA LYS A 163 -0.64 3.61 9.35
C LYS A 163 0.41 4.38 10.13
N GLY A 164 0.98 3.79 11.17
CA GLY A 164 1.92 4.50 11.99
C GLY A 164 3.29 4.71 11.36
N SER A 165 3.61 3.95 10.32
CA SER A 165 4.99 3.93 9.86
C SER A 165 5.38 5.18 9.08
N PRO A 166 4.57 5.65 8.13
CA PRO A 166 4.95 6.92 7.49
C PRO A 166 4.82 8.12 8.41
N ALA A 167 3.94 8.07 9.39
CA ALA A 167 3.81 9.17 10.34
C ALA A 167 5.05 9.28 11.23
N ILE A 168 5.54 8.15 11.74
CA ILE A 168 6.72 8.19 12.61
C ILE A 168 7.96 8.50 11.79
N PHE A 169 8.06 7.97 10.58
CA PHE A 169 9.25 8.15 9.76
C PHE A 169 9.31 9.53 9.11
N GLN A 170 8.23 10.32 9.21
CA GLN A 170 8.12 11.49 8.33
C GLN A 170 9.28 12.45 8.54
N SER A 171 9.64 12.74 9.78
CA SER A 171 10.76 13.65 10.02
C SER A 171 12.02 13.11 9.37
N SER A 172 12.24 11.80 9.45
CA SER A 172 13.37 11.20 8.75
C SER A 172 13.22 11.38 7.24
N MET A 173 12.00 11.21 6.72
CA MET A 173 11.79 11.35 5.28
C MET A 173 12.04 12.78 4.83
N THR A 174 11.63 13.76 5.64
CA THR A 174 11.81 15.15 5.28
C THR A 174 13.29 15.49 5.11
N LYS A 175 14.14 15.00 6.00
CA LYS A 175 15.56 15.34 5.86
C LYS A 175 16.28 14.44 4.86
N ILE A 176 15.75 13.26 4.56
CA ILE A 176 16.26 12.51 3.41
C ILE A 176 16.04 13.30 2.13
N LEU A 177 14.92 14.02 2.03
CA LEU A 177 14.54 14.68 0.80
C LEU A 177 14.89 16.16 0.76
N GLU A 178 15.33 16.76 1.88
CA GLU A 178 15.62 18.19 1.87
C GLU A 178 16.65 18.55 0.81
N PRO A 179 17.81 17.89 0.71
CA PRO A 179 18.76 18.21 -0.36
C PRO A 179 18.12 18.25 -1.74
N PHE A 180 17.54 17.13 -2.17
CA PHE A 180 17.01 17.03 -3.52
C PHE A 180 15.97 18.12 -3.79
N LYS A 181 15.08 18.38 -2.82
CA LYS A 181 14.05 19.39 -3.05
C LYS A 181 14.65 20.79 -3.15
N LYS A 182 15.75 21.05 -2.42
CA LYS A 182 16.35 22.38 -2.42
C LYS A 182 16.90 22.74 -3.80
N GLN A 183 17.29 21.74 -4.59
CA GLN A 183 17.84 21.92 -5.92
C GLN A 183 16.84 21.63 -7.02
N ASN A 184 15.56 21.39 -6.68
CA ASN A 184 14.58 21.07 -7.70
C ASN A 184 13.18 21.54 -7.33
N PRO A 185 13.01 22.80 -6.90
CA PRO A 185 11.67 23.26 -6.50
C PRO A 185 10.61 23.11 -7.59
N ASP A 186 10.98 23.01 -8.86
CA ASP A 186 10.00 22.79 -9.91
C ASP A 186 9.38 21.40 -9.83
N ILE A 187 9.78 20.59 -8.86
CA ILE A 187 9.34 19.19 -8.74
C ILE A 187 8.48 19.05 -7.51
N VAL A 188 7.46 18.20 -7.60
CA VAL A 188 6.54 17.94 -6.50
C VAL A 188 6.77 16.51 -6.03
N ILE A 189 7.06 16.35 -4.74
CA ILE A 189 7.20 15.04 -4.11
C ILE A 189 6.13 14.92 -3.03
N TYR A 190 5.23 13.95 -3.19
CA TYR A 190 4.14 13.70 -2.26
C TYR A 190 4.21 12.26 -1.81
N GLN A 191 4.15 12.04 -0.51
CA GLN A 191 4.17 10.70 0.07
C GLN A 191 2.77 10.30 0.51
N TYR A 192 2.31 9.15 0.01
CA TYR A 192 1.08 8.52 0.50
C TYR A 192 1.45 7.13 0.97
N MET A 193 1.25 6.86 2.25
CA MET A 193 1.60 5.56 2.83
C MET A 193 3.04 5.22 2.44
N ASP A 194 3.26 4.14 1.71
CA ASP A 194 4.61 3.66 1.48
C ASP A 194 5.17 4.03 0.09
N ASP A 195 4.56 4.96 -0.61
CA ASP A 195 5.04 5.37 -1.93
C ASP A 195 5.30 6.87 -1.99
N LEU A 196 6.33 7.25 -2.76
CA LEU A 196 6.54 8.64 -3.14
C LEU A 196 5.95 8.87 -4.51
N TYR A 197 5.30 10.02 -4.69
CA TYR A 197 4.78 10.46 -5.99
C TYR A 197 5.60 11.68 -6.39
N VAL A 198 6.34 11.56 -7.48
CA VAL A 198 7.27 12.60 -7.94
C VAL A 198 6.81 13.09 -9.30
N GLY A 199 6.42 14.36 -9.37
CA GLY A 199 5.83 14.91 -10.58
C GLY A 199 6.56 16.13 -11.10
N SER A 200 6.57 16.26 -12.43
CA SER A 200 7.12 17.45 -13.07
C SER A 200 6.47 17.61 -14.44
N ASP A 201 6.53 18.83 -14.95
CA ASP A 201 6.13 19.13 -16.33
C ASP A 201 7.27 18.95 -17.32
N LEU A 202 8.46 18.57 -16.85
CA LEU A 202 9.62 18.41 -17.71
C LEU A 202 9.35 17.45 -18.87
N GLU A 203 10.13 17.60 -19.94
CA GLU A 203 10.21 16.56 -20.95
C GLU A 203 10.50 15.23 -20.28
N ILE A 204 9.98 14.14 -20.87
CA ILE A 204 10.04 12.85 -20.20
C ILE A 204 11.49 12.42 -19.99
N GLY A 205 12.35 12.64 -20.99
CA GLY A 205 13.76 12.38 -20.79
C GLY A 205 14.34 13.16 -19.64
N GLN A 206 14.06 14.47 -19.59
CA GLN A 206 14.48 15.28 -18.45
C GLN A 206 13.84 14.79 -17.17
N HIS A 207 12.57 14.40 -17.23
CA HIS A 207 11.89 13.90 -16.04
C HIS A 207 12.48 12.58 -15.59
N ARG A 208 12.73 11.66 -16.53
CA ARG A 208 13.20 10.33 -16.16
C ARG A 208 14.57 10.38 -15.49
N THR A 209 15.43 11.29 -15.94
CA THR A 209 16.77 11.37 -15.36
C THR A 209 16.80 12.10 -14.03
N LYS A 210 15.83 13.00 -13.79
CA LYS A 210 15.65 13.54 -12.45
C LYS A 210 15.15 12.48 -11.48
N ILE A 211 14.34 11.53 -11.97
CA ILE A 211 13.94 10.42 -11.12
C ILE A 211 15.17 9.62 -10.68
N GLU A 212 16.00 9.22 -11.65
CA GLU A 212 17.25 8.52 -11.32
C GLU A 212 18.05 9.28 -10.28
N GLU A 213 18.22 10.59 -10.49
CA GLU A 213 18.94 11.42 -9.55
C GLU A 213 18.38 11.27 -8.13
N LEU A 214 17.05 11.32 -8.01
CA LEU A 214 16.40 11.12 -6.72
C LEU A 214 16.70 9.74 -6.18
N ARG A 215 16.65 8.72 -7.04
CA ARG A 215 16.88 7.36 -6.55
C ARG A 215 18.32 7.15 -6.14
N GLN A 216 19.27 7.73 -6.89
CA GLN A 216 20.66 7.73 -6.45
C GLN A 216 20.77 8.30 -5.05
N HIS A 217 20.15 9.45 -4.82
CA HIS A 217 20.25 10.10 -3.50
C HIS A 217 19.65 9.21 -2.42
N LEU A 218 18.44 8.71 -2.65
CA LEU A 218 17.83 7.81 -1.67
C LEU A 218 18.71 6.59 -1.44
N LEU A 219 19.35 6.10 -2.50
CA LEU A 219 20.23 4.95 -2.37
C LEU A 219 21.42 5.26 -1.47
N ARG A 220 21.97 6.48 -1.55
CA ARG A 220 23.01 6.89 -0.61
C ARG A 220 22.54 6.81 0.83
N TRP A 221 21.22 6.89 1.07
CA TRP A 221 20.65 6.79 2.40
C TRP A 221 20.30 5.35 2.79
N GLY A 222 20.71 4.36 1.98
CA GLY A 222 20.28 3.00 2.17
C GLY A 222 19.01 2.63 1.43
N LEU A 223 18.10 3.59 1.25
CA LEU A 223 16.83 3.34 0.58
C LEU A 223 17.05 2.83 -0.82
N THR A 224 16.63 1.58 -1.08
CA THR A 224 16.50 1.07 -2.43
C THR A 224 15.05 1.20 -2.89
N THR A 225 14.85 1.31 -4.21
CA THR A 225 13.51 1.57 -4.72
C THR A 225 13.17 0.70 -5.93
N PRO A 226 12.24 -0.24 -5.78
CA PRO A 226 11.73 -0.95 -6.96
C PRO A 226 11.36 0.05 -8.06
N ASP A 227 11.68 -0.32 -9.30
CA ASP A 227 11.38 0.54 -10.44
C ASP A 227 9.93 1.01 -10.37
N GLY A 228 9.72 2.28 -10.69
CA GLY A 228 8.45 2.91 -10.44
C GLY A 228 7.52 2.90 -11.63
N TYR A 229 6.23 3.00 -11.34
CA TYR A 229 5.22 3.18 -12.37
C TYR A 229 5.15 4.64 -12.75
N GLU A 230 5.02 4.91 -14.05
CA GLU A 230 4.87 6.27 -14.55
C GLU A 230 3.40 6.61 -14.73
N LEU A 231 3.09 7.90 -14.64
CA LEU A 231 1.74 8.40 -14.80
C LEU A 231 1.79 9.77 -15.47
N HIS A 232 0.69 10.16 -16.09
CA HIS A 232 0.58 11.44 -16.79
C HIS A 232 -0.81 12.02 -16.51
N PRO A 233 -1.01 12.57 -15.31
CA PRO A 233 -2.38 12.95 -14.91
C PRO A 233 -2.92 14.17 -15.65
N ASP A 234 -2.08 14.97 -16.29
CA ASP A 234 -2.59 16.16 -16.97
C ASP A 234 -3.49 15.82 -18.15
N LYS A 235 -3.74 14.53 -18.42
CA LYS A 235 -4.65 14.11 -19.47
C LYS A 235 -5.74 13.17 -18.95
N TRP A 236 -6.09 13.29 -17.66
CA TRP A 236 -7.03 12.34 -17.06
C TRP A 236 -8.49 12.71 -17.33
N THR A 237 -8.82 14.00 -17.37
CA THR A 237 -10.17 14.45 -17.64
C THR A 237 -11.21 13.74 -16.77
N GLY A 243 -17.48 19.26 -5.22
CA GLY A 243 -17.07 20.02 -4.04
C GLY A 243 -16.52 19.13 -2.93
N TYR A 244 -15.29 18.69 -3.11
CA TYR A 244 -14.70 17.72 -2.20
C TYR A 244 -14.65 18.22 -0.77
N ASP A 245 -15.09 17.37 0.16
CA ASP A 245 -14.98 17.63 1.60
C ASP A 245 -13.96 16.67 2.19
N PRO A 246 -12.73 17.13 2.50
CA PRO A 246 -11.70 16.19 2.96
C PRO A 246 -11.93 15.62 4.35
N SER A 247 -12.97 16.07 5.06
CA SER A 247 -13.29 15.45 6.35
C SER A 247 -14.10 14.17 6.21
N LYS A 248 -14.52 13.83 5.00
CA LYS A 248 -15.39 12.70 4.74
C LYS A 248 -14.70 11.69 3.82
N ASP A 249 -15.17 10.43 3.89
CA ASP A 249 -14.56 9.37 3.10
C ASP A 249 -14.96 9.47 1.63
N LEU A 250 -14.08 9.02 0.76
CA LEU A 250 -14.39 8.82 -0.66
C LEU A 250 -15.02 7.45 -0.86
N ILE A 251 -15.99 7.38 -1.75
CA ILE A 251 -16.67 6.14 -2.11
C ILE A 251 -16.53 5.93 -3.61
N ALA A 252 -16.23 4.69 -4.00
CA ALA A 252 -16.16 4.31 -5.41
C ALA A 252 -17.09 3.15 -5.65
N GLU A 253 -17.98 3.29 -6.63
CA GLU A 253 -18.83 2.21 -7.11
C GLU A 253 -18.36 1.80 -8.49
N ILE A 254 -18.42 0.49 -8.77
CA ILE A 254 -17.97 -0.07 -10.04
C ILE A 254 -19.08 -0.93 -10.61
N GLN A 255 -19.29 -0.84 -11.92
CA GLN A 255 -20.28 -1.66 -12.62
C GLN A 255 -19.61 -2.36 -13.79
N LYS A 256 -19.99 -3.62 -13.99
CA LYS A 256 -19.53 -4.39 -15.14
C LYS A 256 -20.33 -3.96 -16.36
N GLN A 257 -19.64 -3.70 -17.48
CA GLN A 257 -20.28 -3.34 -18.74
C GLN A 257 -20.19 -4.42 -19.81
N GLY A 258 -19.33 -5.42 -19.65
CA GLY A 258 -19.20 -6.48 -20.63
C GLY A 258 -18.04 -6.25 -21.58
N GLN A 259 -17.60 -7.33 -22.20
CA GLN A 259 -16.47 -7.30 -23.15
C GLN A 259 -15.25 -6.61 -22.53
N GLY A 260 -15.01 -6.86 -21.26
CA GLY A 260 -13.81 -6.34 -20.61
C GLY A 260 -13.87 -4.88 -20.20
N GLN A 261 -15.06 -4.29 -20.18
CA GLN A 261 -15.25 -2.87 -19.93
C GLN A 261 -15.95 -2.68 -18.59
N TRP A 262 -15.60 -1.61 -17.91
CA TRP A 262 -16.12 -1.30 -16.59
C TRP A 262 -16.33 0.19 -16.48
N THR A 263 -17.31 0.59 -15.66
CA THR A 263 -17.52 1.99 -15.33
C THR A 263 -17.39 2.16 -13.83
N TYR A 264 -17.03 3.38 -13.40
CA TYR A 264 -16.97 3.68 -11.98
C TYR A 264 -17.40 5.12 -11.72
N GLN A 265 -17.92 5.34 -10.52
CA GLN A 265 -18.20 6.67 -9.99
C GLN A 265 -17.47 6.83 -8.66
N ILE A 266 -16.92 8.01 -8.42
CA ILE A 266 -16.35 8.38 -7.13
C ILE A 266 -17.17 9.53 -6.57
N TYR A 267 -17.58 9.41 -5.32
CA TYR A 267 -18.46 10.40 -4.71
C TYR A 267 -18.34 10.32 -3.20
N GLN A 268 -18.89 11.33 -2.54
CA GLN A 268 -19.00 11.39 -1.09
C GLN A 268 -20.45 11.41 -0.62
N GLU A 269 -21.31 12.14 -1.32
CA GLU A 269 -22.75 12.08 -1.18
C GLU A 269 -23.32 11.44 -2.45
N PRO A 270 -24.29 10.53 -2.33
CA PRO A 270 -24.61 9.67 -3.49
C PRO A 270 -24.91 10.38 -4.79
N SER A 271 -25.67 11.48 -4.77
CA SER A 271 -26.06 12.12 -6.02
C SER A 271 -25.02 13.10 -6.55
N LYS A 272 -24.00 13.43 -5.76
CA LYS A 272 -22.97 14.37 -6.17
C LYS A 272 -21.70 13.59 -6.52
N ASN A 273 -21.59 13.18 -7.78
CA ASN A 273 -20.40 12.51 -8.25
C ASN A 273 -19.27 13.51 -8.45
N LEU A 274 -18.08 13.18 -7.94
CA LEU A 274 -16.90 14.00 -8.16
C LEU A 274 -16.09 13.58 -9.37
N LYS A 275 -16.16 12.31 -9.75
CA LYS A 275 -15.45 11.82 -10.92
C LYS A 275 -16.13 10.54 -11.41
N THR A 276 -16.19 10.38 -12.73
CA THR A 276 -16.65 9.17 -13.35
C THR A 276 -15.58 8.71 -14.33
N GLY A 277 -15.67 7.44 -14.72
CA GLY A 277 -14.72 6.94 -15.71
C GLY A 277 -15.12 5.58 -16.21
N LYS A 278 -14.27 5.03 -17.05
CA LYS A 278 -14.43 3.68 -17.57
C LYS A 278 -13.04 3.05 -17.62
N TYR A 279 -13.00 1.73 -17.49
CA TYR A 279 -11.73 1.01 -17.45
C TYR A 279 -11.82 -0.17 -18.41
N ALA A 280 -10.80 -0.32 -19.23
CA ALA A 280 -10.70 -1.41 -20.18
C ALA A 280 -9.71 -2.42 -19.64
N ARG A 281 -10.09 -3.71 -19.67
CA ARG A 281 -9.26 -4.72 -19.04
C ARG A 281 -7.93 -4.86 -19.75
N LYS A 282 -6.89 -5.21 -18.98
CA LYS A 282 -5.57 -5.47 -19.54
C LYS A 282 -5.68 -6.58 -20.57
N ARG A 283 -5.05 -6.37 -21.73
CA ARG A 283 -5.00 -7.42 -22.73
C ARG A 283 -4.41 -8.66 -22.08
N GLY A 284 -4.90 -9.81 -22.49
CA GLY A 284 -4.34 -11.05 -22.00
C GLY A 284 -5.19 -12.27 -22.14
N ALA A 285 -4.54 -13.39 -22.42
CA ALA A 285 -5.24 -14.66 -22.61
C ALA A 285 -5.94 -15.11 -21.33
N HIS A 286 -5.30 -14.90 -20.18
CA HIS A 286 -5.86 -15.30 -18.90
C HIS A 286 -6.51 -14.09 -18.24
N THR A 287 -7.84 -14.14 -18.11
CA THR A 287 -8.55 -13.04 -17.47
C THR A 287 -9.88 -13.56 -16.96
N ASN A 288 -10.48 -12.78 -16.06
CA ASN A 288 -11.79 -13.07 -15.49
C ASN A 288 -12.19 -11.85 -14.67
N ASP A 289 -13.42 -11.87 -14.17
CA ASP A 289 -13.97 -10.67 -13.54
C ASP A 289 -13.18 -10.27 -12.29
N VAL A 290 -12.71 -11.24 -11.51
CA VAL A 290 -12.01 -10.90 -10.29
C VAL A 290 -10.70 -10.20 -10.61
N LYS A 291 -9.93 -10.76 -11.54
CA LYS A 291 -8.68 -10.13 -11.94
C LYS A 291 -8.92 -8.71 -12.45
N GLN A 292 -9.92 -8.54 -13.30
CA GLN A 292 -10.20 -7.23 -13.89
C GLN A 292 -10.66 -6.25 -12.82
N LEU A 293 -11.42 -6.71 -11.84
CA LEU A 293 -11.81 -5.83 -10.73
C LEU A 293 -10.61 -5.37 -9.93
N THR A 294 -9.65 -6.27 -9.65
CA THR A 294 -8.46 -5.83 -8.92
C THR A 294 -7.67 -4.82 -9.72
N GLU A 295 -7.64 -4.99 -11.05
CA GLU A 295 -7.04 -3.98 -11.91
C GLU A 295 -7.76 -2.65 -11.73
N ALA A 296 -9.10 -2.66 -11.82
CA ALA A 296 -9.85 -1.43 -11.74
C ALA A 296 -9.69 -0.76 -10.38
N VAL A 297 -9.76 -1.54 -9.30
CA VAL A 297 -9.57 -0.97 -7.96
C VAL A 297 -8.21 -0.30 -7.87
N GLN A 298 -7.18 -0.93 -8.42
CA GLN A 298 -5.84 -0.35 -8.32
C GLN A 298 -5.69 0.90 -9.16
N LYS A 299 -6.32 0.93 -10.35
CA LYS A 299 -6.24 2.14 -11.17
C LYS A 299 -7.04 3.28 -10.53
N ILE A 300 -8.20 2.97 -9.95
CA ILE A 300 -9.03 4.01 -9.36
C ILE A 300 -8.39 4.53 -8.07
N THR A 301 -7.88 3.63 -7.24
CA THR A 301 -7.20 4.05 -6.02
C THR A 301 -6.02 4.95 -6.34
N THR A 302 -5.23 4.58 -7.34
CA THR A 302 -4.08 5.39 -7.72
C THR A 302 -4.51 6.79 -8.11
N GLU A 303 -5.62 6.91 -8.84
CA GLU A 303 -6.08 8.24 -9.27
C GLU A 303 -6.62 9.03 -8.09
N SER A 304 -7.36 8.37 -7.19
CA SER A 304 -7.87 9.05 -6.02
C SER A 304 -6.75 9.61 -5.17
N ILE A 305 -5.64 8.88 -5.08
CA ILE A 305 -4.51 9.35 -4.26
C ILE A 305 -3.89 10.58 -4.89
N VAL A 306 -3.71 10.59 -6.21
CA VAL A 306 -3.10 11.74 -6.87
C VAL A 306 -4.02 12.96 -6.80
N ILE A 307 -5.33 12.75 -6.91
CA ILE A 307 -6.26 13.88 -6.95
C ILE A 307 -6.56 14.40 -5.54
N TRP A 308 -6.80 13.51 -4.58
CA TRP A 308 -7.30 13.90 -3.26
C TRP A 308 -6.45 13.43 -2.09
N GLY A 309 -5.54 12.49 -2.29
CA GLY A 309 -4.73 12.01 -1.20
C GLY A 309 -5.42 11.03 -0.29
N LYS A 310 -6.52 10.43 -0.73
CA LYS A 310 -7.27 9.47 0.06
C LYS A 310 -7.59 8.25 -0.79
N THR A 311 -7.64 7.09 -0.16
CA THR A 311 -8.11 5.92 -0.89
C THR A 311 -9.60 5.77 -0.65
N PRO A 312 -10.42 5.55 -1.69
CA PRO A 312 -11.84 5.37 -1.45
C PRO A 312 -12.13 4.02 -0.81
N LYS A 313 -13.33 3.94 -0.22
CA LYS A 313 -13.95 2.67 0.12
C LYS A 313 -14.73 2.21 -1.11
N PHE A 314 -14.48 0.97 -1.55
CA PHE A 314 -15.07 0.48 -2.80
C PHE A 314 -16.33 -0.32 -2.53
N LYS A 315 -17.33 -0.14 -3.41
CA LYS A 315 -18.52 -0.98 -3.45
C LYS A 315 -18.38 -1.86 -4.68
N LEU A 316 -18.08 -3.14 -4.47
CA LEU A 316 -17.72 -3.96 -5.63
C LEU A 316 -18.89 -4.82 -6.10
N PRO A 317 -19.10 -4.94 -7.40
CA PRO A 317 -20.22 -5.77 -7.91
C PRO A 317 -19.85 -7.25 -7.99
N ILE A 318 -19.75 -7.89 -6.84
CA ILE A 318 -19.29 -9.26 -6.76
C ILE A 318 -19.63 -9.83 -5.39
N GLN A 319 -19.79 -11.14 -5.32
CA GLN A 319 -20.12 -11.82 -4.06
C GLN A 319 -18.89 -11.86 -3.15
N LYS A 320 -19.12 -11.65 -1.85
CA LYS A 320 -18.02 -11.62 -0.90
C LYS A 320 -17.16 -12.88 -1.01
N GLU A 321 -17.82 -14.05 -0.99
CA GLU A 321 -17.08 -15.31 -0.95
C GLU A 321 -16.20 -15.48 -2.18
N THR A 322 -16.72 -15.13 -3.35
CA THR A 322 -15.91 -15.25 -4.56
C THR A 322 -14.71 -14.32 -4.52
N TRP A 323 -14.95 -13.06 -4.19
CA TRP A 323 -13.82 -12.13 -4.05
C TRP A 323 -12.82 -12.65 -3.03
N GLU A 324 -13.29 -12.98 -1.82
CA GLU A 324 -12.35 -13.37 -0.77
C GLU A 324 -11.58 -14.62 -1.14
N THR A 325 -12.14 -15.46 -2.01
CA THR A 325 -11.43 -16.68 -2.39
C THR A 325 -10.28 -16.41 -3.35
N TRP A 326 -10.38 -15.36 -4.18
CA TRP A 326 -9.50 -15.25 -5.34
C TRP A 326 -8.71 -13.96 -5.45
N TRP A 327 -9.11 -12.88 -4.76
CA TRP A 327 -8.52 -11.57 -5.07
C TRP A 327 -7.03 -11.53 -4.84
N THR A 328 -6.52 -12.33 -3.89
CA THR A 328 -5.09 -12.32 -3.61
C THR A 328 -4.27 -12.94 -4.74
N GLU A 329 -4.88 -13.75 -5.60
CA GLU A 329 -4.11 -14.26 -6.73
C GLU A 329 -3.75 -13.17 -7.75
N TYR A 330 -4.37 -11.99 -7.66
CA TYR A 330 -4.17 -10.96 -8.67
C TYR A 330 -3.73 -9.61 -8.09
N TRP A 331 -3.68 -9.44 -6.78
CA TRP A 331 -3.29 -8.16 -6.21
C TRP A 331 -1.83 -7.88 -6.48
N GLN A 332 -1.52 -6.64 -6.87
CA GLN A 332 -0.17 -6.21 -7.19
C GLN A 332 0.25 -4.95 -6.46
N ALA A 333 -0.52 -4.51 -5.46
CA ALA A 333 -0.22 -3.31 -4.70
C ALA A 333 0.18 -3.65 -3.27
N THR A 334 0.93 -2.73 -2.67
CA THR A 334 1.39 -2.88 -1.28
C THR A 334 0.41 -2.34 -0.26
N TRP A 335 -0.71 -1.79 -0.70
CA TRP A 335 -1.78 -1.28 0.15
C TRP A 335 -3.05 -2.05 -0.19
N ILE A 336 -4.04 -1.91 0.68
CA ILE A 336 -5.32 -2.60 0.52
C ILE A 336 -6.43 -1.67 0.99
N PRO A 337 -7.42 -1.35 0.14
CA PRO A 337 -8.50 -0.47 0.56
C PRO A 337 -9.58 -1.24 1.31
N GLU A 338 -10.53 -0.48 1.86
CA GLU A 338 -11.76 -1.09 2.36
C GLU A 338 -12.70 -1.36 1.20
N TRP A 339 -13.50 -2.43 1.33
CA TRP A 339 -14.49 -2.75 0.30
C TRP A 339 -15.67 -3.44 0.95
N GLU A 340 -16.80 -3.36 0.27
CA GLU A 340 -18.00 -4.12 0.63
C GLU A 340 -18.60 -4.66 -0.66
N PHE A 341 -19.61 -5.51 -0.54
CA PHE A 341 -20.02 -6.36 -1.65
C PHE A 341 -21.53 -6.33 -1.84
N VAL A 342 -21.98 -7.15 -2.78
CA VAL A 342 -23.42 -7.31 -3.05
C VAL A 342 -23.72 -8.79 -3.26
#